data_3PZH
#
_entry.id   3PZH
#
_cell.length_a   142.629
_cell.length_b   59.376
_cell.length_c   44.860
_cell.angle_alpha   90.000
_cell.angle_beta   103.060
_cell.angle_gamma   90.000
#
_symmetry.space_group_name_H-M   'C 1 2 1'
#
loop_
_entity.id
_entity.type
_entity.pdbx_description
1 polymer 'Casein kinase II subunit alpha'
2 non-polymer 3-METHYL-1,6,8-TRIHYDROXYANTHRAQUINONE
3 non-polymer 'ACETATE ION'
4 non-polymer 1,2-ETHANEDIOL
5 non-polymer 'CHLORIDE ION'
6 water water
#
_entity_poly.entity_id   1
_entity_poly.type   'polypeptide(L)'
_entity_poly.pdbx_seq_one_letter_code
;MSKARVYADVNVLRPKEYWDYEALTVQWGEQDDYEVVRKVGRGKYSEVFEGINVNNNEKCIIKILKPVKKKKIKREIKIL
QNL(CME)GGPNIVKLLDIVRDQHSKTPSLIFEYVNNTDFKVLYPTLTDYDIRYYIYELLKALDYCHSQGIMHRDVKPHN
VMIDHELRKLRLIDWGLAEFYHPGKEYNVRVASRYFKGPELLVDLQDYDYSLDMWSLGCMFAGMIFRKEPFFYGHDNHDQ
LVKIAKVLGTDGLNVYLNKYRIELDPQLEALVGRHSRKPWLKFMNADNQHLVSPEAIDFLDKLLRYDHQERLTALEAMTH
PYFQQVRAAENSRTRA
;
_entity_poly.pdbx_strand_id   A
#
loop_
_chem_comp.id
_chem_comp.type
_chem_comp.name
_chem_comp.formula
ACT non-polymer 'ACETATE ION' 'C2 H3 O2 -1'
CL non-polymer 'CHLORIDE ION' 'Cl -1'
EDO non-polymer 1,2-ETHANEDIOL 'C2 H6 O2'
EMO non-polymer 3-METHYL-1,6,8-TRIHYDROXYANTHRAQUINONE 'C15 H10 O5'
#
# COMPACT_ATOMS: atom_id res chain seq x y z
N SER A 2 1.04 19.83 8.88
CA SER A 2 0.64 18.51 9.35
C SER A 2 1.86 17.64 9.63
N LYS A 3 1.80 16.86 10.69
CA LYS A 3 2.83 15.84 10.89
C LYS A 3 2.25 14.52 11.38
N ALA A 4 2.97 13.43 11.12
CA ALA A 4 2.56 12.10 11.54
C ALA A 4 2.42 12.05 13.04
N ARG A 5 1.40 11.33 13.52
CA ARG A 5 1.13 11.24 14.94
C ARG A 5 1.94 10.13 15.61
N VAL A 6 2.56 9.27 14.80
CA VAL A 6 3.48 8.26 15.32
C VAL A 6 4.67 8.20 14.37
N TYR A 7 5.81 7.72 14.88
CA TYR A 7 6.98 7.47 14.05
C TYR A 7 7.47 8.70 13.29
N ALA A 8 7.06 9.89 13.73
CA ALA A 8 7.46 11.13 13.07
C ALA A 8 8.96 11.37 13.08
N ASP A 9 9.64 10.83 14.08
CA ASP A 9 11.07 11.12 14.28
C ASP A 9 12.02 9.99 13.91
N VAL A 10 11.53 8.96 13.24
CA VAL A 10 12.40 7.84 12.91
C VAL A 10 13.62 8.28 12.13
N ASN A 11 13.41 9.02 11.04
CA ASN A 11 14.52 9.52 10.24
C ASN A 11 15.24 10.73 10.85
N VAL A 12 14.60 11.36 11.83
CA VAL A 12 15.24 12.43 12.58
C VAL A 12 16.36 11.87 13.46
N LEU A 13 16.09 10.74 14.11
CA LEU A 13 17.07 10.11 15.00
C LEU A 13 18.12 9.26 14.28
N ARG A 14 17.83 8.82 13.07
CA ARG A 14 18.73 7.89 12.39
C ARG A 14 19.76 8.60 11.53
N PRO A 15 20.91 7.94 11.30
CA PRO A 15 21.99 8.54 10.50
C PRO A 15 21.55 8.83 9.08
N LYS A 16 22.10 9.88 8.50
CA LYS A 16 21.81 10.24 7.14
C LYS A 16 22.03 9.04 6.22
N GLU A 17 22.98 8.18 6.56
CA GLU A 17 23.24 6.96 5.81
C GLU A 17 21.93 6.20 5.54
N TYR A 18 21.06 6.17 6.55
CA TYR A 18 19.81 5.42 6.48
C TYR A 18 18.81 5.91 5.43
N TRP A 19 18.63 7.23 5.34
CA TRP A 19 17.58 7.78 4.49
C TRP A 19 18.07 8.57 3.27
N ASP A 20 19.36 8.88 3.24
CA ASP A 20 19.90 9.64 2.11
C ASP A 20 20.14 8.72 0.90
N TYR A 21 19.06 8.23 0.28
CA TYR A 21 19.20 7.28 -0.84
C TYR A 21 19.94 7.80 -2.07
N GLU A 22 19.94 9.11 -2.29
CA GLU A 22 20.62 9.65 -3.47
C GLU A 22 22.12 9.43 -3.40
N ALA A 23 22.63 9.23 -2.19
CA ALA A 23 24.05 8.98 -1.97
C ALA A 23 24.42 7.49 -2.11
N LEU A 24 23.41 6.65 -2.34
CA LEU A 24 23.64 5.22 -2.49
C LEU A 24 24.52 4.93 -3.71
N THR A 25 25.49 4.05 -3.54
CA THR A 25 26.25 3.53 -4.67
C THR A 25 26.05 2.02 -4.73
N VAL A 26 25.47 1.57 -5.84
CA VAL A 26 25.04 0.18 -5.95
C VAL A 26 26.24 -0.72 -6.17
N GLN A 27 26.23 -1.87 -5.50
CA GLN A 27 27.20 -2.92 -5.77
C GLN A 27 26.51 -3.99 -6.62
N TRP A 28 26.80 -4.01 -7.91
CA TRP A 28 26.08 -4.91 -8.81
C TRP A 28 26.59 -6.34 -8.70
N GLY A 29 25.65 -7.29 -8.63
CA GLY A 29 25.98 -8.69 -8.63
C GLY A 29 26.21 -9.22 -10.03
N GLU A 30 26.11 -10.54 -10.19
CA GLU A 30 26.31 -11.17 -11.48
C GLU A 30 24.98 -11.42 -12.18
N GLN A 31 24.76 -10.75 -13.30
CA GLN A 31 23.53 -10.96 -14.05
C GLN A 31 23.35 -12.40 -14.52
N ASP A 32 24.46 -13.11 -14.72
CA ASP A 32 24.38 -14.48 -15.24
C ASP A 32 23.90 -15.48 -14.20
N ASP A 33 23.89 -15.07 -12.93
CA ASP A 33 23.42 -15.93 -11.86
C ASP A 33 21.92 -16.24 -12.02
N TYR A 34 21.24 -15.45 -12.84
CA TYR A 34 19.78 -15.47 -12.85
C TYR A 34 19.19 -15.60 -14.24
N GLU A 35 18.32 -16.59 -14.43
CA GLU A 35 17.69 -16.80 -15.73
C GLU A 35 16.18 -16.66 -15.63
N VAL A 36 15.61 -15.95 -16.58
CA VAL A 36 14.16 -15.83 -16.71
C VAL A 36 13.54 -17.19 -17.03
N VAL A 37 12.48 -17.54 -16.31
CA VAL A 37 11.74 -18.76 -16.58
C VAL A 37 10.43 -18.42 -17.30
N ARG A 38 9.74 -17.40 -16.81
CA ARG A 38 8.50 -16.95 -17.44
C ARG A 38 8.01 -15.60 -16.86
N LYS A 39 7.43 -14.77 -17.71
CA LYS A 39 6.84 -13.50 -17.26
C LYS A 39 5.66 -13.81 -16.35
N VAL A 40 5.49 -13.01 -15.30
CA VAL A 40 4.33 -13.20 -14.42
C VAL A 40 3.60 -11.89 -14.14
N GLY A 41 4.23 -10.75 -14.43
CA GLY A 41 3.56 -9.48 -14.24
C GLY A 41 4.23 -8.34 -14.95
N ARG A 42 3.58 -7.18 -14.92
CA ARG A 42 4.11 -6.00 -15.59
C ARG A 42 3.35 -4.76 -15.16
N GLY A 43 3.99 -3.60 -15.32
CA GLY A 43 3.41 -2.33 -14.96
C GLY A 43 4.15 -1.19 -15.62
N LYS A 44 3.78 0.03 -15.25
CA LYS A 44 4.36 1.20 -15.86
C LYS A 44 5.89 1.23 -15.70
N TYR A 45 6.39 0.69 -14.59
CA TYR A 45 7.82 0.83 -14.28
C TYR A 45 8.67 -0.43 -14.36
N SER A 46 8.06 -1.57 -14.61
CA SER A 46 8.79 -2.82 -14.55
C SER A 46 8.09 -3.97 -15.25
N GLU A 47 8.87 -5.00 -15.58
CA GLU A 47 8.32 -6.27 -16.01
C GLU A 47 8.87 -7.31 -15.05
N VAL A 48 8.04 -8.25 -14.65
CA VAL A 48 8.38 -9.17 -13.58
C VAL A 48 8.28 -10.62 -14.06
N PHE A 49 9.26 -11.43 -13.70
CA PHE A 49 9.37 -12.80 -14.18
C PHE A 49 9.68 -13.73 -13.03
N GLU A 50 9.17 -14.95 -13.12
CA GLU A 50 9.68 -16.01 -12.27
C GLU A 50 11.03 -16.37 -12.85
N GLY A 51 12.01 -16.55 -11.98
CA GLY A 51 13.35 -16.81 -12.44
C GLY A 51 13.91 -17.98 -11.69
N ILE A 52 15.14 -18.33 -12.04
CA ILE A 52 15.85 -19.39 -11.37
C ILE A 52 17.24 -18.86 -11.08
N ASN A 53 17.72 -19.10 -9.86
CA ASN A 53 19.09 -18.80 -9.51
C ASN A 53 19.91 -20.00 -9.98
N VAL A 54 20.75 -19.82 -11.00
CA VAL A 54 21.39 -20.97 -11.63
C VAL A 54 22.47 -21.60 -10.76
N ASN A 55 22.88 -20.89 -9.71
CA ASN A 55 23.85 -21.42 -8.76
C ASN A 55 23.27 -22.49 -7.86
N ASN A 56 22.20 -22.14 -7.15
CA ASN A 56 21.58 -23.06 -6.21
C ASN A 56 20.34 -23.73 -6.78
N ASN A 57 19.95 -23.33 -7.98
CA ASN A 57 18.72 -23.82 -8.62
C ASN A 57 17.45 -23.55 -7.80
N GLU A 58 17.47 -22.50 -6.98
CA GLU A 58 16.28 -22.06 -6.24
C GLU A 58 15.49 -21.05 -7.07
N LYS A 59 14.16 -21.12 -6.98
CA LYS A 59 13.31 -20.14 -7.62
C LYS A 59 13.59 -18.74 -7.07
N CYS A 60 13.28 -17.72 -7.86
CA CYS A 60 13.39 -16.32 -7.43
C CYS A 60 12.44 -15.47 -8.27
N ILE A 61 12.30 -14.19 -7.93
CA ILE A 61 11.55 -13.26 -8.75
C ILE A 61 12.51 -12.26 -9.37
N ILE A 62 12.38 -12.01 -10.67
CA ILE A 62 13.26 -11.10 -11.37
C ILE A 62 12.45 -9.90 -11.83
N LYS A 63 12.74 -8.73 -11.27
CA LYS A 63 12.01 -7.53 -11.63
C LYS A 63 12.92 -6.63 -12.48
N ILE A 64 12.60 -6.54 -13.78
CA ILE A 64 13.41 -5.75 -14.70
C ILE A 64 12.85 -4.34 -14.76
N LEU A 65 13.68 -3.37 -14.43
CA LEU A 65 13.20 -2.00 -14.28
C LEU A 65 13.20 -1.25 -15.60
N LYS A 66 12.10 -0.56 -15.88
CA LYS A 66 12.01 0.25 -17.09
C LYS A 66 12.80 1.55 -16.92
N PRO A 67 13.18 2.20 -18.04
CA PRO A 67 13.95 3.44 -17.93
C PRO A 67 13.26 4.47 -17.03
N VAL A 68 13.98 4.91 -15.99
CA VAL A 68 13.51 5.96 -15.09
C VAL A 68 14.70 6.73 -14.55
N LYS A 69 14.41 7.82 -13.83
CA LYS A 69 15.47 8.59 -13.20
C LYS A 69 16.21 7.74 -12.19
N LYS A 70 17.53 7.85 -12.21
CA LYS A 70 18.38 7.06 -11.34
C LYS A 70 17.96 7.20 -9.87
N LYS A 71 17.48 8.38 -9.51
CA LYS A 71 17.10 8.63 -8.11
C LYS A 71 15.99 7.68 -7.64
N LYS A 72 15.01 7.43 -8.52
CA LYS A 72 13.91 6.51 -8.21
C LYS A 72 14.42 5.09 -8.03
N ILE A 73 15.48 4.74 -8.76
CA ILE A 73 16.05 3.41 -8.62
C ILE A 73 16.82 3.23 -7.31
N LYS A 74 17.62 4.21 -6.95
CA LYS A 74 18.34 4.15 -5.67
C LYS A 74 17.33 4.14 -4.52
N ARG A 75 16.23 4.86 -4.67
CA ARG A 75 15.24 4.99 -3.60
C ARG A 75 14.61 3.63 -3.27
N GLU A 76 14.20 2.92 -4.32
CA GLU A 76 13.58 1.61 -4.12
C GLU A 76 14.57 0.64 -3.53
N ILE A 77 15.81 0.69 -4.01
CA ILE A 77 16.84 -0.22 -3.51
C ILE A 77 17.12 0.03 -2.03
N LYS A 78 17.29 1.29 -1.65
CA LYS A 78 17.60 1.66 -0.28
C LYS A 78 16.49 1.21 0.68
N ILE A 79 15.27 1.49 0.28
CA ILE A 79 14.12 1.16 1.11
C ILE A 79 13.99 -0.35 1.29
N LEU A 80 14.22 -1.10 0.21
CA LEU A 80 14.11 -2.55 0.28
C LEU A 80 15.19 -3.11 1.19
N GLN A 81 16.39 -2.56 1.09
CA GLN A 81 17.50 -2.96 1.96
C GLN A 81 17.19 -2.70 3.43
N ASN A 82 16.66 -1.50 3.72
CA ASN A 82 16.33 -1.12 5.08
C ASN A 82 15.23 -1.99 5.67
N LEU A 83 14.28 -2.42 4.84
CA LEU A 83 13.13 -3.15 5.34
C LEU A 83 13.32 -4.65 5.29
N CME A 84 14.34 -5.11 4.55
CA CME A 84 14.55 -6.57 4.36
CB CME A 84 15.88 -6.83 3.66
SG CME A 84 15.93 -8.43 2.89
SD CME A 84 16.69 -9.65 4.29
CE CME A 84 18.39 -9.79 3.85
CZ CME A 84 18.51 -10.69 2.62
OH CME A 84 19.46 -10.12 1.70
C CME A 84 14.56 -7.25 5.69
O CME A 84 15.24 -6.80 6.60
N GLY A 85 13.78 -8.32 5.83
CA GLY A 85 13.69 -9.03 7.11
C GLY A 85 12.46 -8.71 7.95
N GLY A 86 11.82 -7.58 7.68
CA GLY A 86 10.58 -7.24 8.35
C GLY A 86 9.44 -8.18 8.00
N PRO A 87 8.42 -8.24 8.88
CA PRO A 87 7.28 -9.14 8.66
C PRO A 87 6.56 -8.87 7.35
N ASN A 88 6.46 -9.89 6.51
CA ASN A 88 5.66 -9.83 5.30
C ASN A 88 6.12 -8.78 4.30
N ILE A 89 7.38 -8.37 4.42
CA ILE A 89 8.01 -7.52 3.42
C ILE A 89 8.76 -8.41 2.41
N VAL A 90 8.53 -8.20 1.12
CA VAL A 90 9.27 -8.96 0.11
C VAL A 90 10.77 -8.77 0.34
N LYS A 91 11.56 -9.84 0.21
CA LYS A 91 13.01 -9.75 0.42
C LYS A 91 13.83 -9.54 -0.86
N LEU A 92 14.48 -8.39 -0.95
CA LEU A 92 15.46 -8.11 -2.00
C LEU A 92 16.75 -8.91 -1.71
N LEU A 93 17.11 -9.83 -2.60
CA LEU A 93 18.28 -10.69 -2.37
C LEU A 93 19.51 -10.30 -3.19
N ASP A 94 19.30 -9.66 -4.34
CA ASP A 94 20.41 -9.29 -5.21
C ASP A 94 19.99 -8.19 -6.18
N ILE A 95 20.97 -7.51 -6.76
CA ILE A 95 20.72 -6.46 -7.74
C ILE A 95 21.75 -6.61 -8.87
N VAL A 96 21.28 -6.67 -10.10
CA VAL A 96 22.16 -6.85 -11.25
C VAL A 96 21.76 -5.95 -12.39
N ARG A 97 22.62 -5.81 -13.38
CA ARG A 97 22.22 -5.10 -14.58
C ARG A 97 22.93 -5.57 -15.83
N ASP A 98 22.34 -5.24 -16.98
CA ASP A 98 22.87 -5.61 -18.28
C ASP A 98 23.98 -4.66 -18.70
N GLN A 99 25.17 -5.20 -18.97
CA GLN A 99 26.32 -4.37 -19.30
C GLN A 99 26.04 -3.39 -20.45
N HIS A 100 25.53 -3.90 -21.57
CA HIS A 100 25.36 -3.08 -22.77
C HIS A 100 24.25 -2.02 -22.62
N SER A 101 23.07 -2.43 -22.17
CA SER A 101 21.94 -1.50 -22.04
C SER A 101 21.91 -0.77 -20.69
N LYS A 102 22.60 -1.32 -19.70
CA LYS A 102 22.53 -0.82 -18.34
C LYS A 102 21.13 -1.01 -17.72
N THR A 103 20.37 -1.97 -18.23
CA THR A 103 19.06 -2.28 -17.66
C THR A 103 19.25 -2.99 -16.31
N PRO A 104 18.71 -2.40 -15.22
CA PRO A 104 18.83 -3.03 -13.90
C PRO A 104 17.72 -4.05 -13.63
N SER A 105 18.05 -5.08 -12.84
CA SER A 105 17.08 -6.07 -12.38
C SER A 105 17.23 -6.25 -10.90
N LEU A 106 16.10 -6.26 -10.19
CA LEU A 106 16.09 -6.53 -8.75
C LEU A 106 15.66 -7.96 -8.55
N ILE A 107 16.40 -8.69 -7.71
CA ILE A 107 16.13 -10.10 -7.53
C ILE A 107 15.55 -10.33 -6.15
N PHE A 108 14.38 -10.96 -6.10
CA PHE A 108 13.66 -11.14 -4.84
C PHE A 108 13.48 -12.62 -4.52
N GLU A 109 13.31 -12.91 -3.23
CA GLU A 109 12.86 -14.23 -2.81
C GLU A 109 11.68 -14.63 -3.66
N TYR A 110 11.52 -15.91 -3.91
CA TYR A 110 10.40 -16.35 -4.74
C TYR A 110 9.10 -16.13 -3.97
N VAL A 111 8.10 -15.61 -4.67
CA VAL A 111 6.77 -15.46 -4.11
C VAL A 111 5.77 -16.06 -5.07
N ASN A 112 4.90 -16.93 -4.57
CA ASN A 112 3.98 -17.65 -5.44
C ASN A 112 2.57 -17.11 -5.35
N ASN A 113 2.29 -16.08 -6.15
CA ASN A 113 1.02 -15.37 -6.07
C ASN A 113 -0.20 -16.08 -6.63
N THR A 114 -1.32 -15.91 -5.92
CA THR A 114 -2.63 -16.27 -6.42
C THR A 114 -3.34 -14.98 -6.86
N ASP A 115 -3.66 -14.86 -8.16
CA ASP A 115 -4.34 -13.68 -8.73
C ASP A 115 -5.52 -13.18 -7.88
N PHE A 116 -5.50 -11.93 -7.44
CA PHE A 116 -6.49 -11.45 -6.47
C PHE A 116 -7.91 -11.42 -7.04
N LYS A 117 -8.01 -11.24 -8.35
CA LYS A 117 -9.32 -11.16 -9.00
C LYS A 117 -10.07 -12.49 -8.87
N VAL A 118 -9.32 -13.58 -8.83
CA VAL A 118 -9.87 -14.92 -8.68
C VAL A 118 -9.84 -15.33 -7.20
N LEU A 119 -8.80 -14.92 -6.49
CA LEU A 119 -8.68 -15.24 -5.07
C LEU A 119 -9.77 -14.61 -4.21
N TYR A 120 -9.92 -13.29 -4.31
CA TYR A 120 -10.79 -12.56 -3.37
C TYR A 120 -12.23 -13.10 -3.27
N PRO A 121 -12.86 -13.45 -4.40
CA PRO A 121 -14.22 -14.03 -4.35
C PRO A 121 -14.37 -15.28 -3.48
N THR A 122 -13.30 -16.05 -3.32
CA THR A 122 -13.35 -17.30 -2.56
C THR A 122 -12.95 -17.10 -1.10
N LEU A 123 -12.44 -15.92 -0.75
CA LEU A 123 -12.00 -15.67 0.64
C LEU A 123 -13.17 -15.76 1.62
N THR A 124 -12.98 -16.47 2.72
CA THR A 124 -13.99 -16.51 3.78
C THR A 124 -13.87 -15.27 4.68
N ASP A 125 -14.84 -15.08 5.56
CA ASP A 125 -14.76 -14.02 6.54
C ASP A 125 -13.43 -14.07 7.28
N TYR A 126 -13.07 -15.25 7.81
CA TYR A 126 -11.82 -15.33 8.58
C TYR A 126 -10.58 -15.05 7.74
N ASP A 127 -10.59 -15.46 6.48
CA ASP A 127 -9.44 -15.24 5.61
C ASP A 127 -9.17 -13.75 5.44
N ILE A 128 -10.24 -12.99 5.27
CA ILE A 128 -10.13 -11.55 5.15
C ILE A 128 -9.49 -10.94 6.41
N ARG A 129 -9.96 -11.36 7.59
CA ARG A 129 -9.43 -10.81 8.84
C ARG A 129 -7.95 -11.16 8.94
N TYR A 130 -7.63 -12.40 8.63
CA TYR A 130 -6.26 -12.88 8.69
C TYR A 130 -5.35 -12.14 7.69
N TYR A 131 -5.71 -12.10 6.42
CA TYR A 131 -4.81 -11.44 5.45
C TYR A 131 -4.64 -9.95 5.72
N ILE A 132 -5.72 -9.29 6.15
CA ILE A 132 -5.62 -7.86 6.47
C ILE A 132 -4.72 -7.61 7.69
N TYR A 133 -4.83 -8.49 8.69
CA TYR A 133 -3.96 -8.45 9.86
C TYR A 133 -2.50 -8.62 9.45
N GLU A 134 -2.24 -9.56 8.55
CA GLU A 134 -0.87 -9.79 8.08
C GLU A 134 -0.35 -8.59 7.30
N LEU A 135 -1.21 -7.95 6.51
CA LEU A 135 -0.80 -6.79 5.76
C LEU A 135 -0.46 -5.67 6.74
N LEU A 136 -1.29 -5.55 7.78
CA LEU A 136 -1.08 -4.52 8.80
C LEU A 136 0.27 -4.66 9.50
N LYS A 137 0.76 -5.89 9.63
CA LYS A 137 2.10 -6.10 10.16
C LYS A 137 3.15 -5.46 9.26
N ALA A 138 3.02 -5.69 7.95
CA ALA A 138 3.95 -5.09 7.00
C ALA A 138 3.96 -3.58 7.11
N LEU A 139 2.77 -3.00 7.25
CA LEU A 139 2.63 -1.54 7.25
C LEU A 139 3.14 -0.95 8.56
N ASP A 140 2.76 -1.52 9.70
CA ASP A 140 3.29 -0.96 10.94
C ASP A 140 4.80 -1.07 10.91
N TYR A 141 5.30 -2.18 10.39
CA TYR A 141 6.73 -2.32 10.32
C TYR A 141 7.37 -1.23 9.46
N CYS A 142 6.93 -1.06 8.21
CA CYS A 142 7.62 -0.06 7.39
C CYS A 142 7.41 1.34 7.97
N HIS A 143 6.22 1.63 8.47
CA HIS A 143 6.00 2.92 9.13
C HIS A 143 6.95 3.11 10.33
N SER A 144 7.17 2.06 11.11
CA SER A 144 8.06 2.18 12.27
C SER A 144 9.51 2.42 11.82
N GLN A 145 9.81 2.11 10.55
CA GLN A 145 11.15 2.28 10.02
C GLN A 145 11.23 3.55 9.16
N GLY A 146 10.27 4.44 9.36
CA GLY A 146 10.26 5.75 8.73
C GLY A 146 9.93 5.75 7.24
N ILE A 147 9.16 4.76 6.79
CA ILE A 147 8.85 4.61 5.35
C ILE A 147 7.37 4.47 5.07
N MET A 148 6.88 5.25 4.10
CA MET A 148 5.50 5.16 3.58
C MET A 148 5.50 4.34 2.30
N HIS A 149 4.55 3.42 2.13
CA HIS A 149 4.52 2.63 0.91
C HIS A 149 4.01 3.43 -0.29
N ARG A 150 2.91 4.14 -0.09
CA ARG A 150 2.34 5.02 -1.11
C ARG A 150 1.71 4.35 -2.34
N ASP A 151 1.58 3.03 -2.33
CA ASP A 151 0.92 2.33 -3.43
C ASP A 151 0.29 1.02 -2.94
N VAL A 152 -0.34 1.08 -1.77
CA VAL A 152 -1.09 -0.08 -1.25
C VAL A 152 -2.31 -0.29 -2.13
N LYS A 153 -2.41 -1.47 -2.71
CA LYS A 153 -3.57 -1.93 -3.48
C LYS A 153 -3.49 -3.46 -3.63
N PRO A 154 -4.60 -4.11 -4.00
CA PRO A 154 -4.54 -5.58 -4.09
C PRO A 154 -3.40 -6.11 -4.97
N HIS A 155 -3.09 -5.40 -6.06
CA HIS A 155 -2.05 -5.86 -6.98
C HIS A 155 -0.70 -5.92 -6.30
N ASN A 156 -0.53 -5.15 -5.23
CA ASN A 156 0.76 -5.08 -4.54
C ASN A 156 0.80 -5.88 -3.25
N VAL A 157 -0.26 -6.65 -3.03
CA VAL A 157 -0.31 -7.56 -1.90
C VAL A 157 -0.35 -8.98 -2.46
N MET A 158 0.81 -9.63 -2.52
CA MET A 158 0.90 -10.98 -3.04
CA MET A 158 0.87 -10.98 -3.03
C MET A 158 0.54 -11.99 -1.96
N ILE A 159 -0.34 -12.92 -2.32
CA ILE A 159 -0.81 -13.93 -1.40
C ILE A 159 -0.66 -15.33 -1.98
N ASP A 160 0.07 -16.18 -1.28
CA ASP A 160 0.14 -17.61 -1.60
C ASP A 160 -0.90 -18.27 -0.72
N HIS A 161 -2.10 -18.51 -1.26
CA HIS A 161 -3.23 -18.90 -0.41
C HIS A 161 -3.08 -20.31 0.16
N GLU A 162 -2.36 -21.15 -0.56
CA GLU A 162 -2.11 -22.51 -0.09
C GLU A 162 -1.27 -22.51 1.19
N LEU A 163 -0.26 -21.64 1.24
CA LEU A 163 0.59 -21.53 2.42
C LEU A 163 0.18 -20.38 3.35
N ARG A 164 -0.88 -19.66 3.00
CA ARG A 164 -1.32 -18.50 3.78
C ARG A 164 -0.18 -17.52 4.08
N LYS A 165 0.62 -17.26 3.06
CA LYS A 165 1.74 -16.33 3.15
C LYS A 165 1.41 -15.05 2.40
N LEU A 166 1.73 -13.93 3.03
CA LEU A 166 1.48 -12.62 2.43
C LEU A 166 2.77 -11.79 2.33
N ARG A 167 2.95 -11.12 1.20
CA ARG A 167 4.09 -10.22 1.05
C ARG A 167 3.60 -8.92 0.44
N LEU A 168 4.00 -7.79 1.02
CA LEU A 168 3.74 -6.49 0.44
C LEU A 168 4.87 -6.18 -0.54
N ILE A 169 4.51 -5.92 -1.80
CA ILE A 169 5.52 -5.78 -2.85
C ILE A 169 5.50 -4.41 -3.53
N ASP A 170 6.38 -4.27 -4.51
CA ASP A 170 6.56 -3.05 -5.30
C ASP A 170 6.73 -1.78 -4.48
N TRP A 171 7.93 -1.64 -3.93
CA TRP A 171 8.32 -0.47 -3.16
C TRP A 171 8.85 0.67 -4.03
N GLY A 172 8.50 0.66 -5.32
CA GLY A 172 8.99 1.67 -6.25
C GLY A 172 8.42 3.08 -6.11
N LEU A 173 7.32 3.21 -5.36
CA LEU A 173 6.75 4.53 -5.07
C LEU A 173 6.94 4.91 -3.60
N ALA A 174 7.53 4.02 -2.80
CA ALA A 174 7.67 4.28 -1.36
C ALA A 174 8.63 5.45 -1.11
N GLU A 175 8.50 6.13 0.04
CA GLU A 175 9.40 7.25 0.41
C GLU A 175 9.68 7.27 1.90
N PHE A 176 10.78 7.93 2.26
CA PHE A 176 11.10 8.15 3.67
C PHE A 176 10.24 9.29 4.19
N TYR A 177 9.70 9.16 5.40
CA TYR A 177 8.93 10.25 5.99
C TYR A 177 9.81 11.21 6.77
N HIS A 178 9.69 12.50 6.46
CA HIS A 178 10.41 13.56 7.16
C HIS A 178 9.39 14.61 7.60
N PRO A 179 9.34 14.93 8.90
CA PRO A 179 8.33 15.87 9.38
C PRO A 179 8.29 17.11 8.52
N GLY A 180 7.10 17.48 8.06
CA GLY A 180 6.91 18.74 7.34
C GLY A 180 7.27 18.70 5.87
N LYS A 181 7.85 17.61 5.41
CA LYS A 181 8.29 17.54 4.01
C LYS A 181 7.11 17.54 3.04
N GLU A 182 7.25 18.25 1.93
CA GLU A 182 6.17 18.29 0.94
C GLU A 182 6.40 17.29 -0.18
N TYR A 183 5.50 16.30 -0.28
CA TYR A 183 5.69 15.19 -1.20
C TYR A 183 4.87 15.37 -2.47
N ASN A 184 5.28 14.66 -3.51
CA ASN A 184 4.51 14.57 -4.75
C ASN A 184 3.21 13.85 -4.45
N VAL A 185 2.08 14.42 -4.88
CA VAL A 185 0.78 13.78 -4.63
C VAL A 185 0.42 12.74 -5.68
N ARG A 186 1.23 12.65 -6.73
CA ARG A 186 0.95 11.72 -7.81
C ARG A 186 1.53 10.35 -7.46
N VAL A 187 0.97 9.74 -6.42
CA VAL A 187 1.35 8.40 -6.01
C VAL A 187 0.09 7.57 -5.81
N ALA A 188 0.25 6.27 -5.61
CA ALA A 188 -0.88 5.37 -5.42
C ALA A 188 -1.74 5.25 -6.68
N SER A 189 -2.40 4.11 -6.82
CA SER A 189 -3.33 3.90 -7.90
C SER A 189 -4.56 4.72 -7.64
N ARG A 190 -5.18 5.26 -8.68
CA ARG A 190 -6.33 6.17 -8.49
C ARG A 190 -7.37 5.70 -7.46
N TYR A 191 -7.80 4.43 -7.55
CA TYR A 191 -8.87 3.91 -6.68
C TYR A 191 -8.49 3.94 -5.21
N PHE A 192 -7.20 4.05 -4.94
CA PHE A 192 -6.68 3.95 -3.59
C PHE A 192 -6.03 5.24 -3.11
N LYS A 193 -6.20 6.33 -3.87
CA LYS A 193 -5.70 7.64 -3.48
C LYS A 193 -6.49 8.22 -2.31
N GLY A 194 -5.79 8.63 -1.27
CA GLY A 194 -6.43 9.31 -0.16
C GLY A 194 -6.87 10.70 -0.59
N PRO A 195 -7.87 11.25 0.12
CA PRO A 195 -8.35 12.63 -0.10
C PRO A 195 -7.21 13.64 -0.11
N GLU A 196 -6.22 13.47 0.76
CA GLU A 196 -5.10 14.39 0.82
C GLU A 196 -4.41 14.47 -0.55
N LEU A 197 -4.30 13.34 -1.26
CA LEU A 197 -3.66 13.37 -2.57
C LEU A 197 -4.54 14.12 -3.57
N LEU A 198 -5.84 13.91 -3.44
CA LEU A 198 -6.83 14.44 -4.37
C LEU A 198 -7.13 15.92 -4.19
N VAL A 199 -6.73 16.48 -3.04
CA VAL A 199 -6.88 17.91 -2.81
C VAL A 199 -5.54 18.62 -2.66
N ASP A 200 -4.48 17.95 -3.08
CA ASP A 200 -3.13 18.51 -3.09
C ASP A 200 -2.56 18.92 -1.74
N LEU A 201 -2.88 18.14 -0.70
CA LEU A 201 -2.24 18.31 0.59
C LEU A 201 -0.95 17.52 0.51
N GLN A 202 0.19 18.22 0.44
CA GLN A 202 1.45 17.59 0.08
C GLN A 202 2.22 17.10 1.29
N ASP A 203 1.96 17.69 2.45
CA ASP A 203 2.66 17.28 3.66
C ASP A 203 1.89 16.15 4.36
N TYR A 204 1.71 15.04 3.64
CA TYR A 204 1.02 13.88 4.18
C TYR A 204 2.03 12.89 4.77
N ASP A 205 1.54 11.76 5.28
CA ASP A 205 2.41 10.84 5.99
C ASP A 205 1.98 9.38 5.85
N TYR A 206 2.43 8.54 6.77
CA TYR A 206 2.08 7.12 6.80
C TYR A 206 0.58 6.85 6.70
N SER A 207 -0.23 7.80 7.18
CA SER A 207 -1.69 7.60 7.25
C SER A 207 -2.30 7.45 5.85
N LEU A 208 -1.59 7.94 4.85
CA LEU A 208 -1.99 7.69 3.46
C LEU A 208 -2.22 6.21 3.20
N ASP A 209 -1.30 5.38 3.70
CA ASP A 209 -1.40 3.94 3.49
C ASP A 209 -2.65 3.38 4.16
N MET A 210 -3.09 4.03 5.23
CA MET A 210 -4.24 3.52 5.98
C MET A 210 -5.54 3.78 5.20
N TRP A 211 -5.61 4.89 4.45
CA TRP A 211 -6.76 5.10 3.58
C TRP A 211 -6.80 4.02 2.49
N SER A 212 -5.65 3.79 1.84
CA SER A 212 -5.56 2.79 0.77
C SER A 212 -5.97 1.43 1.32
N LEU A 213 -5.45 1.06 2.49
CA LEU A 213 -5.89 -0.18 3.14
C LEU A 213 -7.40 -0.20 3.36
N GLY A 214 -7.96 0.92 3.82
CA GLY A 214 -9.40 1.00 4.03
C GLY A 214 -10.17 0.75 2.73
N CYS A 215 -9.63 1.25 1.63
CA CYS A 215 -10.28 1.04 0.33
C CYS A 215 -10.28 -0.45 -0.03
N MET A 216 -9.13 -1.09 0.19
CA MET A 216 -9.00 -2.52 -0.07
C MET A 216 -9.97 -3.28 0.81
N PHE A 217 -10.04 -2.91 2.09
CA PHE A 217 -10.89 -3.62 3.03
C PHE A 217 -12.35 -3.51 2.65
N ALA A 218 -12.76 -2.30 2.31
CA ALA A 218 -14.13 -2.03 1.88
C ALA A 218 -14.48 -2.86 0.64
N GLY A 219 -13.58 -2.90 -0.32
CA GLY A 219 -13.81 -3.70 -1.52
C GLY A 219 -13.97 -5.18 -1.18
N MET A 220 -13.27 -5.63 -0.15
CA MET A 220 -13.32 -7.03 0.23
C MET A 220 -14.64 -7.41 0.92
N ILE A 221 -14.97 -6.70 1.99
CA ILE A 221 -16.16 -7.06 2.73
C ILE A 221 -17.44 -6.74 1.96
N PHE A 222 -17.44 -5.70 1.12
CA PHE A 222 -18.61 -5.42 0.30
C PHE A 222 -18.60 -6.13 -1.06
N ARG A 223 -17.52 -6.83 -1.36
CA ARG A 223 -17.37 -7.48 -2.68
C ARG A 223 -17.66 -6.50 -3.80
N LYS A 224 -16.99 -5.35 -3.76
CA LYS A 224 -17.05 -4.38 -4.84
C LYS A 224 -15.61 -4.01 -5.19
N GLU A 225 -15.20 -4.34 -6.39
CA GLU A 225 -13.84 -4.07 -6.85
C GLU A 225 -13.85 -3.07 -8.01
N PRO A 226 -13.24 -1.89 -7.81
CA PRO A 226 -12.76 -1.37 -6.52
C PRO A 226 -13.92 -0.68 -5.86
N PHE A 227 -13.79 -0.32 -4.59
CA PHE A 227 -14.93 0.27 -3.88
C PHE A 227 -15.27 1.67 -4.39
N PHE A 228 -14.24 2.51 -4.53
CA PHE A 228 -14.43 3.88 -5.02
C PHE A 228 -13.92 3.87 -6.47
N TYR A 229 -14.84 3.83 -7.43
CA TYR A 229 -14.51 3.61 -8.84
C TYR A 229 -14.63 4.90 -9.66
N GLY A 230 -13.63 5.78 -9.56
CA GLY A 230 -13.64 7.01 -10.34
C GLY A 230 -12.78 6.87 -11.59
N HIS A 231 -13.08 7.66 -12.63
CA HIS A 231 -12.36 7.54 -13.90
C HIS A 231 -11.13 8.47 -14.02
N ASP A 232 -11.12 9.57 -13.28
CA ASP A 232 -9.94 10.41 -13.11
C ASP A 232 -9.92 10.97 -11.70
N ASN A 233 -8.88 11.70 -11.33
CA ASN A 233 -8.73 12.14 -9.95
C ASN A 233 -9.86 13.00 -9.43
N HIS A 234 -10.40 13.86 -10.30
CA HIS A 234 -11.53 14.69 -9.93
C HIS A 234 -12.75 13.81 -9.61
N ASP A 235 -12.99 12.84 -10.48
CA ASP A 235 -14.12 11.94 -10.34
C ASP A 235 -13.94 11.06 -9.09
N GLN A 236 -12.69 10.69 -8.82
CA GLN A 236 -12.35 9.90 -7.65
C GLN A 236 -12.77 10.60 -6.36
N LEU A 237 -12.52 11.90 -6.27
CA LEU A 237 -12.96 12.67 -5.09
C LEU A 237 -14.49 12.77 -5.04
N VAL A 238 -15.13 12.91 -6.20
CA VAL A 238 -16.58 12.87 -6.24
C VAL A 238 -17.14 11.56 -5.66
N LYS A 239 -16.57 10.42 -6.08
CA LYS A 239 -17.06 9.11 -5.61
C LYS A 239 -16.93 8.97 -4.09
N ILE A 240 -15.85 9.51 -3.54
CA ILE A 240 -15.64 9.53 -2.09
C ILE A 240 -16.66 10.43 -1.40
N ALA A 241 -16.83 11.65 -1.90
CA ALA A 241 -17.81 12.58 -1.33
C ALA A 241 -19.24 12.02 -1.32
N LYS A 242 -19.58 11.24 -2.34
CA LYS A 242 -20.93 10.67 -2.47
C LYS A 242 -21.24 9.66 -1.36
N VAL A 243 -20.19 9.13 -0.74
CA VAL A 243 -20.33 8.18 0.35
C VAL A 243 -20.10 8.82 1.72
N LEU A 244 -18.96 9.50 1.88
CA LEU A 244 -18.60 10.07 3.17
C LEU A 244 -19.34 11.39 3.45
N GLY A 245 -19.95 11.96 2.42
CA GLY A 245 -20.67 13.22 2.57
C GLY A 245 -19.76 14.42 2.42
N THR A 246 -20.30 15.54 1.95
CA THR A 246 -19.52 16.76 1.75
C THR A 246 -19.34 17.61 3.01
N ASP A 247 -20.21 17.42 4.01
CA ASP A 247 -20.04 18.15 5.28
C ASP A 247 -18.65 17.90 5.87
N GLY A 248 -18.27 16.63 5.96
CA GLY A 248 -16.97 16.26 6.49
C GLY A 248 -15.83 16.78 5.64
N LEU A 249 -16.07 16.90 4.33
CA LEU A 249 -15.05 17.37 3.40
C LEU A 249 -14.78 18.85 3.62
N ASN A 250 -15.83 19.63 3.82
CA ASN A 250 -15.67 21.05 4.14
C ASN A 250 -14.91 21.29 5.45
N VAL A 251 -15.19 20.47 6.45
CA VAL A 251 -14.50 20.54 7.73
C VAL A 251 -13.02 20.24 7.55
N TYR A 252 -12.74 19.16 6.85
CA TYR A 252 -11.38 18.75 6.49
C TYR A 252 -10.62 19.89 5.81
N LEU A 253 -11.19 20.39 4.70
CA LEU A 253 -10.55 21.45 3.93
C LEU A 253 -10.33 22.72 4.75
N ASN A 254 -11.28 23.04 5.62
CA ASN A 254 -11.12 24.23 6.46
C ASN A 254 -10.02 24.03 7.50
N LYS A 255 -9.96 22.84 8.09
CA LYS A 255 -8.95 22.54 9.09
C LYS A 255 -7.54 22.73 8.52
N TYR A 256 -7.30 22.20 7.32
CA TYR A 256 -5.98 22.28 6.69
C TYR A 256 -5.81 23.50 5.79
N ARG A 257 -6.77 24.42 5.85
CA ARG A 257 -6.73 25.65 5.07
C ARG A 257 -6.52 25.38 3.59
N ILE A 258 -7.25 24.41 3.06
CA ILE A 258 -7.13 24.06 1.65
C ILE A 258 -8.29 24.63 0.82
N GLU A 259 -7.96 25.24 -0.32
CA GLU A 259 -9.00 25.70 -1.23
C GLU A 259 -9.14 24.79 -2.45
N LEU A 260 -10.38 24.42 -2.73
CA LEU A 260 -10.71 23.52 -3.83
C LEU A 260 -10.88 24.32 -5.10
N ASP A 261 -10.53 23.71 -6.24
CA ASP A 261 -10.78 24.33 -7.53
C ASP A 261 -12.26 24.60 -7.66
N PRO A 262 -12.61 25.81 -8.11
CA PRO A 262 -14.01 26.15 -8.34
C PRO A 262 -14.65 25.12 -9.26
N GLN A 263 -13.81 24.50 -10.09
CA GLN A 263 -14.25 23.44 -10.99
C GLN A 263 -14.53 22.18 -10.19
N LEU A 264 -13.49 21.68 -9.50
CA LEU A 264 -13.61 20.49 -8.68
C LEU A 264 -14.77 20.63 -7.69
N GLU A 265 -14.89 21.81 -7.09
CA GLU A 265 -15.95 22.06 -6.10
C GLU A 265 -17.33 21.91 -6.73
N ALA A 266 -17.49 22.42 -7.95
CA ALA A 266 -18.78 22.33 -8.64
C ALA A 266 -19.12 20.88 -8.91
N LEU A 267 -18.11 20.11 -9.33
CA LEU A 267 -18.27 18.68 -9.59
C LEU A 267 -18.72 17.91 -8.34
N VAL A 268 -18.04 18.17 -7.23
CA VAL A 268 -18.32 17.43 -6.00
C VAL A 268 -19.76 17.67 -5.54
N GLY A 269 -20.21 18.92 -5.64
CA GLY A 269 -21.57 19.26 -5.28
C GLY A 269 -21.85 19.05 -3.80
N ARG A 270 -23.02 18.52 -3.49
CA ARG A 270 -23.47 18.37 -2.11
C ARG A 270 -23.99 16.96 -1.89
N HIS A 271 -23.50 16.29 -0.86
CA HIS A 271 -23.94 14.93 -0.55
C HIS A 271 -24.01 14.65 0.93
N SER A 272 -25.09 13.99 1.33
CA SER A 272 -25.21 13.50 2.69
C SER A 272 -24.24 12.36 2.89
N ARG A 273 -23.85 12.13 4.15
CA ARG A 273 -23.06 10.95 4.50
C ARG A 273 -23.98 9.72 4.45
N LYS A 274 -23.56 8.68 3.73
CA LYS A 274 -24.37 7.48 3.64
C LYS A 274 -23.94 6.43 4.68
N PRO A 275 -24.91 5.72 5.26
CA PRO A 275 -24.56 4.67 6.23
C PRO A 275 -23.85 3.52 5.51
N TRP A 276 -22.86 2.92 6.16
CA TRP A 276 -22.12 1.82 5.56
C TRP A 276 -23.00 0.64 5.18
N LEU A 277 -24.16 0.51 5.81
CA LEU A 277 -25.04 -0.63 5.53
C LEU A 277 -25.84 -0.46 4.24
N LYS A 278 -25.91 0.77 3.75
CA LYS A 278 -26.49 1.02 2.43
C LYS A 278 -25.85 0.12 1.36
N PHE A 279 -24.63 -0.36 1.61
CA PHE A 279 -23.90 -1.16 0.63
C PHE A 279 -23.95 -2.66 0.90
N MET A 280 -24.66 -3.05 1.96
CA MET A 280 -24.84 -4.45 2.26
C MET A 280 -25.87 -5.08 1.32
N ASN A 281 -25.58 -6.27 0.84
CA ASN A 281 -26.50 -7.03 -0.01
C ASN A 281 -26.30 -8.53 0.17
N ALA A 282 -27.00 -9.34 -0.62
CA ALA A 282 -27.03 -10.79 -0.40
C ALA A 282 -25.68 -11.45 -0.64
N ASP A 283 -24.90 -10.93 -1.56
CA ASP A 283 -23.58 -11.49 -1.87
C ASP A 283 -22.59 -11.20 -0.74
N ASN A 284 -22.90 -10.21 0.10
CA ASN A 284 -21.94 -9.72 1.11
C ASN A 284 -22.48 -9.48 2.53
N GLN A 285 -23.74 -9.80 2.78
CA GLN A 285 -24.44 -9.32 3.97
C GLN A 285 -23.79 -9.72 5.30
N HIS A 286 -23.12 -10.86 5.26
CA HIS A 286 -22.51 -11.41 6.46
C HIS A 286 -21.08 -10.96 6.64
N LEU A 287 -20.33 -10.84 5.53
CA LEU A 287 -18.97 -10.34 5.61
C LEU A 287 -19.00 -8.99 6.31
N VAL A 288 -20.19 -8.41 6.42
CA VAL A 288 -20.33 -7.02 6.86
C VAL A 288 -20.86 -6.92 8.30
N SER A 289 -20.19 -7.59 9.22
CA SER A 289 -20.59 -7.55 10.62
C SER A 289 -20.34 -6.18 11.26
N PRO A 290 -20.93 -5.94 12.42
CA PRO A 290 -20.71 -4.66 13.10
C PRO A 290 -19.23 -4.36 13.34
N GLU A 291 -18.42 -5.37 13.65
CA GLU A 291 -17.01 -5.14 13.94
C GLU A 291 -16.29 -4.72 12.66
N ALA A 292 -16.75 -5.27 11.54
CA ALA A 292 -16.15 -4.95 10.25
C ALA A 292 -16.41 -3.49 9.90
N ILE A 293 -17.64 -3.05 10.13
CA ILE A 293 -18.08 -1.69 9.83
C ILE A 293 -17.42 -0.69 10.78
N ASP A 294 -17.34 -1.01 12.06
CA ASP A 294 -16.66 -0.13 13.00
C ASP A 294 -15.22 0.08 12.59
N PHE A 295 -14.53 -1.00 12.22
CA PHE A 295 -13.13 -0.92 11.81
C PHE A 295 -12.99 -0.14 10.51
N LEU A 296 -13.76 -0.50 9.49
CA LEU A 296 -13.73 0.23 8.23
C LEU A 296 -13.95 1.72 8.46
N ASP A 297 -14.94 2.06 9.28
CA ASP A 297 -15.31 3.46 9.46
C ASP A 297 -14.16 4.27 10.06
N LYS A 298 -13.29 3.58 10.79
CA LYS A 298 -12.18 4.22 11.48
C LYS A 298 -10.97 4.38 10.57
N LEU A 299 -11.02 3.76 9.39
CA LEU A 299 -9.95 3.94 8.38
C LEU A 299 -10.33 4.98 7.35
N LEU A 300 -11.56 4.87 6.83
CA LEU A 300 -12.00 5.80 5.81
C LEU A 300 -12.49 7.12 6.40
N ARG A 301 -11.55 7.96 6.82
CA ARG A 301 -11.84 9.31 7.32
C ARG A 301 -11.12 10.29 6.41
N TYR A 302 -11.78 11.37 6.00
CA TYR A 302 -11.10 12.40 5.21
C TYR A 302 -9.80 12.80 5.92
N ASP A 303 -9.92 13.18 7.19
CA ASP A 303 -8.79 13.71 7.95
C ASP A 303 -7.80 12.60 8.24
N HIS A 304 -6.64 12.67 7.58
CA HIS A 304 -5.63 11.64 7.74
C HIS A 304 -5.18 11.51 9.19
N GLN A 305 -5.29 12.60 9.95
CA GLN A 305 -4.87 12.58 11.35
C GLN A 305 -5.89 11.86 12.24
N GLU A 306 -7.06 11.56 11.69
CA GLU A 306 -8.11 10.86 12.42
C GLU A 306 -8.07 9.35 12.21
N ARG A 307 -7.38 8.90 11.18
CA ARG A 307 -7.36 7.48 10.84
C ARG A 307 -6.58 6.66 11.86
N LEU A 308 -7.01 5.43 12.08
CA LEU A 308 -6.24 4.49 12.89
C LEU A 308 -4.83 4.36 12.33
N THR A 309 -3.84 4.23 13.21
CA THR A 309 -2.50 3.81 12.81
C THR A 309 -2.54 2.32 12.51
N ALA A 310 -1.51 1.82 11.83
CA ALA A 310 -1.44 0.40 11.54
C ALA A 310 -1.44 -0.39 12.83
N LEU A 311 -0.71 0.10 13.85
CA LEU A 311 -0.66 -0.56 15.15
C LEU A 311 -2.04 -0.63 15.84
N GLU A 312 -2.74 0.49 15.88
CA GLU A 312 -4.09 0.52 16.45
C GLU A 312 -5.00 -0.45 15.73
N ALA A 313 -4.98 -0.38 14.40
CA ALA A 313 -5.80 -1.25 13.57
C ALA A 313 -5.62 -2.72 13.96
N MET A 314 -4.37 -3.13 14.15
CA MET A 314 -4.06 -4.52 14.50
CA MET A 314 -4.05 -4.51 14.51
C MET A 314 -4.73 -4.96 15.79
N THR A 315 -4.94 -4.02 16.71
CA THR A 315 -5.54 -4.36 18.01
C THR A 315 -7.07 -4.28 18.04
N HIS A 316 -7.69 -3.81 16.96
CA HIS A 316 -9.14 -3.69 16.94
C HIS A 316 -9.79 -5.06 17.18
N PRO A 317 -10.90 -5.11 17.94
CA PRO A 317 -11.52 -6.40 18.23
C PRO A 317 -11.91 -7.21 16.96
N TYR A 318 -12.10 -6.51 15.85
CA TYR A 318 -12.35 -7.21 14.58
C TYR A 318 -11.36 -8.36 14.40
N PHE A 319 -10.09 -8.15 14.78
CA PHE A 319 -9.05 -9.17 14.61
C PHE A 319 -8.83 -10.12 15.80
N GLN A 320 -9.69 -10.06 16.80
CA GLN A 320 -9.41 -10.76 18.05
C GLN A 320 -9.11 -12.26 17.87
N GLN A 321 -9.79 -12.90 16.93
CA GLN A 321 -9.57 -14.33 16.72
C GLN A 321 -8.23 -14.62 16.06
N VAL A 322 -7.81 -13.72 15.17
CA VAL A 322 -6.53 -13.86 14.50
C VAL A 322 -5.42 -13.73 15.53
N ARG A 323 -5.56 -12.78 16.45
CA ARG A 323 -4.56 -12.62 17.52
C ARG A 323 -4.52 -13.85 18.42
N ALA A 324 -5.69 -14.35 18.81
CA ALA A 324 -5.76 -15.54 19.67
C ALA A 324 -5.08 -16.75 19.04
N ALA A 325 -5.27 -16.92 17.73
CA ALA A 325 -4.72 -18.07 17.03
C ALA A 325 -3.20 -17.97 16.93
N GLU A 326 -2.72 -16.75 16.77
CA GLU A 326 -1.29 -16.50 16.71
C GLU A 326 -0.64 -16.73 18.07
N ASN A 327 -1.26 -16.23 19.12
CA ASN A 327 -0.73 -16.39 20.47
C ASN A 327 -0.62 -17.86 20.88
N SER A 328 -1.60 -18.66 20.47
CA SER A 328 -1.63 -20.07 20.84
C SER A 328 -0.58 -20.88 20.10
N ARG A 329 0.22 -20.21 19.26
CA ARG A 329 1.29 -20.87 18.53
C ARG A 329 2.66 -20.59 19.16
C1 EMO B . 8.00 -8.72 -6.28
O1 EMO B . 8.47 -9.83 -5.63
C2 EMO B . 8.58 -7.49 -6.03
C3 EMO B . 8.10 -6.35 -6.69
O3 EMO B . 8.67 -5.14 -6.44
C4 EMO B . 7.05 -6.47 -7.59
C5 EMO B . 6.47 -7.71 -7.84
C6 EMO B . 5.42 -7.83 -8.75
O6 EMO B . 5.00 -6.84 -9.35
C7 EMO B . 4.83 -9.07 -9.01
C8 EMO B . 3.77 -9.16 -9.92
C9 EMO B . 3.18 -10.39 -10.19
C10 EMO B . 2.01 -10.48 -11.19
C16 EMO B . 3.62 -11.54 -9.54
C17 EMO B . 4.68 -11.46 -8.63
O17 EMO B . 5.08 -12.61 -8.02
C18 EMO B . 5.30 -10.22 -8.36
C19 EMO B . 6.36 -10.10 -7.44
O19 EMO B . 6.78 -11.10 -6.85
C20 EMO B . 6.95 -8.85 -7.19
C ACT C . 7.45 9.80 -6.81
O ACT C . 7.93 10.24 -5.74
OXT ACT C . 7.85 8.67 -7.17
CH3 ACT C . 6.42 10.56 -7.59
C ACT D . -17.81 -9.65 14.54
O ACT D . -18.73 -8.81 14.43
OXT ACT D . -16.87 -9.55 13.72
CH3 ACT D . -17.79 -10.71 15.61
C1 EDO E . -19.11 3.46 -3.30
O1 EDO E . -18.39 4.10 -4.37
C2 EDO E . -20.14 2.49 -3.85
O2 EDO E . -19.45 1.39 -4.46
C1 EDO F . 0.29 4.08 10.50
O1 EDO F . 1.19 3.20 11.16
C2 EDO F . 0.52 5.50 10.99
O2 EDO F . -0.48 6.30 10.35
C1 EDO G . -6.70 7.69 16.52
O1 EDO G . -5.71 7.04 15.71
C2 EDO G . -7.94 7.96 15.67
O2 EDO G . -8.30 9.34 15.76
C1 EDO H . 5.28 -11.99 10.87
O1 EDO H . 4.79 -12.43 12.15
C2 EDO H . 4.72 -12.90 9.79
O2 EDO H . 3.40 -13.32 10.17
C1 EDO I . 19.45 -11.72 -16.13
O1 EDO I . 18.51 -12.69 -16.58
C2 EDO I . 18.94 -11.06 -14.85
O2 EDO I . 17.84 -10.20 -15.18
C1 EDO J . 13.13 -2.70 -19.65
O1 EDO J . 13.70 -3.53 -20.68
C2 EDO J . 11.63 -2.95 -19.61
O2 EDO J . 11.37 -4.34 -19.54
C1 EDO K . -17.56 -18.66 6.18
O1 EDO K . -17.06 -19.54 7.20
C2 EDO K . -16.99 -17.25 6.39
O2 EDO K . -17.47 -16.37 5.38
C1 EDO L . 2.08 -15.71 7.08
O1 EDO L . 3.47 -15.83 7.40
C2 EDO L . 1.87 -14.31 6.52
O2 EDO L . 2.91 -14.03 5.60
CL CL M . 20.75 -6.23 -1.50
#